data_4EVT
#
_entry.id   4EVT
#
_cell.length_a   64.748
_cell.length_b   102.606
_cell.length_c   187.392
_cell.angle_alpha   90.00
_cell.angle_beta   90.00
_cell.angle_gamma   90.00
#
_symmetry.space_group_name_H-M   'C 2 2 21'
#
loop_
_entity.id
_entity.type
_entity.pdbx_description
1 polymer 'Catenin beta-1'
2 non-polymer UREA
3 water water
#
_entity_poly.entity_id   1
_entity_poly.type   'polypeptide(L)'
_entity_poly.pdbx_seq_one_letter_code
;HAVVNLINYQDDAELATRAIPELTKLLNDEDQVVVNKAAVMVHQLSKKEASRHAIMRSPQMVSAIVRTMQNTNDVETARC
TAGTLHNLSHHREGLLAIFKSGGIPALVKMLGSPVDSVLFYAITTLHNLLLHQEGAKMAVRLAGGLQKMVALLNKTNVKF
LAITTDCLQILAYGNQESKLIILASGGPQALVNIMRTYTYEKLLWTTSRVLKVLSVCSSNKPAIVEAGGMQALGLHLTDP
SQRLVQNCLWTLRNLSDAATKQEGMEGLLGTLVQLLGSDDINVVTCAAGILSNLTCNNYKNKMMVCQVGGIEALVRTVLR
AGDREDITEPAICALRHLTSRHQEAEMAQNAVRLHYGLPVVVKLLHPPSHWPLIKATVGLIRNLALCPANHAPLREQGAI
PRLVQLLVRAHQDTQRRTSMGGTQQQFVEGVRMEEIVEGCTGALHILARDVHNRIVIRGLNTIPLFVQLLYSPIENIQRV
AAGVLCELAQDKEAAEAIEAEGATAPLTELLHSRNEGVATYAAAVLFRMSEDKPQDYK
;
_entity_poly.pdbx_strand_id   A
#
loop_
_chem_comp.id
_chem_comp.type
_chem_comp.name
_chem_comp.formula
URE non-polymer UREA 'C H4 N2 O'
#
# COMPACT_ATOMS: atom_id res chain seq x y z
N ASN A 28 -21.96 -36.04 40.01
CA ASN A 28 -23.41 -36.09 40.18
C ASN A 28 -24.11 -35.25 39.12
N ASP A 29 -25.43 -35.43 39.01
CA ASP A 29 -26.20 -34.80 37.95
C ASP A 29 -26.42 -33.28 38.13
N GLU A 30 -27.44 -32.78 37.47
CA GLU A 30 -27.63 -31.34 37.26
C GLU A 30 -27.98 -30.53 38.51
N ASP A 31 -28.03 -29.21 38.32
CA ASP A 31 -28.66 -28.31 39.26
C ASP A 31 -30.15 -28.35 38.97
N GLN A 32 -30.91 -27.51 39.67
CA GLN A 32 -32.35 -27.43 39.47
C GLN A 32 -32.81 -26.00 39.22
N VAL A 33 -33.73 -25.52 40.06
CA VAL A 33 -34.27 -24.18 39.92
C VAL A 33 -34.11 -23.36 41.22
N VAL A 34 -33.63 -22.13 41.09
CA VAL A 34 -33.51 -21.22 42.21
C VAL A 34 -32.26 -21.47 43.04
N VAL A 35 -31.40 -22.36 42.57
CA VAL A 35 -30.14 -22.66 43.26
C VAL A 35 -28.95 -22.32 42.38
N ASN A 36 -28.00 -21.58 42.94
CA ASN A 36 -26.83 -21.18 42.18
C ASN A 36 -25.59 -21.92 42.65
N LYS A 37 -25.56 -22.26 43.94
CA LYS A 37 -24.46 -23.00 44.58
C LYS A 37 -23.79 -24.04 43.68
N ALA A 38 -24.60 -24.62 42.80
CA ALA A 38 -24.13 -25.52 41.75
C ALA A 38 -23.23 -24.81 40.72
N ALA A 39 -23.39 -23.51 40.56
CA ALA A 39 -22.52 -22.75 39.66
C ALA A 39 -21.16 -22.60 40.30
N VAL A 40 -21.16 -22.23 41.58
CA VAL A 40 -19.93 -22.22 42.36
C VAL A 40 -19.42 -23.65 42.48
N MET A 41 -20.33 -24.61 42.36
CA MET A 41 -19.92 -26.02 42.25
C MET A 41 -19.06 -26.17 41.00
N VAL A 42 -19.63 -26.49 39.83
CA VAL A 42 -18.85 -26.84 38.63
C VAL A 42 -17.47 -26.15 38.44
N HIS A 43 -17.33 -24.95 38.99
CA HIS A 43 -16.09 -24.16 38.90
C HIS A 43 -14.85 -24.91 39.41
N GLN A 44 -14.71 -24.94 40.74
CA GLN A 44 -13.62 -25.62 41.46
C GLN A 44 -13.10 -26.93 40.83
N LEU A 45 -14.00 -27.65 40.16
CA LEU A 45 -13.69 -28.95 39.57
C LEU A 45 -13.04 -28.75 38.22
N SER A 46 -13.55 -27.77 37.48
CA SER A 46 -13.01 -27.43 36.17
C SER A 46 -11.54 -27.08 36.31
N LYS A 47 -11.16 -26.61 37.50
CA LYS A 47 -9.76 -26.35 37.82
C LYS A 47 -8.95 -27.65 37.84
N LYS A 48 -9.37 -28.59 38.69
CA LYS A 48 -8.72 -29.89 38.76
C LYS A 48 -9.00 -30.73 37.51
N GLU A 49 -7.93 -31.10 36.82
CA GLU A 49 -8.02 -31.85 35.56
C GLU A 49 -8.96 -33.06 35.64
N ALA A 50 -8.84 -33.82 36.73
CA ALA A 50 -9.59 -35.06 36.92
C ALA A 50 -11.08 -34.91 36.64
N SER A 51 -11.70 -33.98 37.35
CA SER A 51 -13.13 -33.72 37.16
C SER A 51 -13.41 -32.97 35.87
N ARG A 52 -12.46 -32.14 35.45
CA ARG A 52 -12.61 -31.38 34.21
C ARG A 52 -12.75 -32.31 33.00
N HIS A 53 -12.07 -33.44 33.01
CA HIS A 53 -12.25 -34.39 31.93
C HIS A 53 -13.65 -34.97 31.98
N ALA A 54 -14.10 -35.32 33.18
CA ALA A 54 -15.43 -35.87 33.36
C ALA A 54 -16.51 -34.90 32.89
N ILE A 55 -16.24 -33.61 33.07
CA ILE A 55 -17.23 -32.57 32.87
C ILE A 55 -17.43 -32.31 31.37
N MET A 56 -16.35 -32.32 30.58
CA MET A 56 -16.45 -32.14 29.14
C MET A 56 -16.73 -33.44 28.43
N ARG A 57 -16.49 -34.54 29.13
CA ARG A 57 -16.89 -35.87 28.67
C ARG A 57 -18.39 -36.04 28.83
N SER A 58 -19.05 -35.04 29.43
CA SER A 58 -20.48 -35.10 29.71
C SER A 58 -21.25 -34.09 28.87
N PRO A 59 -21.71 -34.51 27.68
CA PRO A 59 -22.44 -33.64 26.75
C PRO A 59 -23.84 -33.28 27.21
N GLN A 60 -24.05 -33.24 28.52
CA GLN A 60 -25.39 -33.10 29.06
C GLN A 60 -25.53 -31.79 29.80
N MET A 61 -24.70 -31.67 30.84
CA MET A 61 -24.73 -30.57 31.78
C MET A 61 -23.96 -29.38 31.23
N VAL A 62 -22.99 -29.63 30.33
CA VAL A 62 -22.27 -28.56 29.65
C VAL A 62 -23.27 -27.62 28.98
N SER A 63 -24.36 -28.20 28.50
CA SER A 63 -25.46 -27.42 27.95
C SER A 63 -26.20 -26.67 29.06
N ALA A 64 -26.26 -27.28 30.24
CA ALA A 64 -26.91 -26.63 31.38
C ALA A 64 -26.03 -25.52 31.94
N ILE A 65 -24.72 -25.67 31.79
CA ILE A 65 -23.78 -24.61 32.11
C ILE A 65 -24.10 -23.41 31.23
N VAL A 66 -24.20 -23.66 29.93
CA VAL A 66 -24.56 -22.64 28.95
C VAL A 66 -25.88 -21.97 29.29
N ARG A 67 -26.94 -22.77 29.37
CA ARG A 67 -28.30 -22.32 29.70
C ARG A 67 -28.31 -21.35 30.88
N THR A 68 -27.67 -21.76 31.96
CA THR A 68 -27.58 -20.95 33.18
C THR A 68 -26.93 -19.60 32.89
N MET A 69 -25.79 -19.62 32.21
CA MET A 69 -25.02 -18.40 31.94
C MET A 69 -25.81 -17.31 31.24
N GLN A 70 -26.37 -17.65 30.09
CA GLN A 70 -27.08 -16.68 29.26
C GLN A 70 -28.31 -16.11 29.98
N ASN A 71 -28.95 -16.96 30.78
CA ASN A 71 -30.23 -16.62 31.37
C ASN A 71 -30.15 -15.96 32.74
N THR A 72 -29.19 -16.35 33.56
CA THR A 72 -29.08 -15.81 34.91
C THR A 72 -28.88 -14.30 34.92
N ASN A 73 -29.49 -13.63 35.89
CA ASN A 73 -29.30 -12.20 36.08
C ASN A 73 -28.44 -11.93 37.31
N ASP A 74 -27.89 -12.99 37.88
CA ASP A 74 -26.98 -12.87 39.01
C ASP A 74 -25.55 -12.68 38.50
N VAL A 75 -24.80 -11.82 39.16
CA VAL A 75 -23.45 -11.48 38.71
C VAL A 75 -22.42 -12.57 38.98
N GLU A 76 -22.26 -12.94 40.25
CA GLU A 76 -21.25 -13.91 40.66
C GLU A 76 -21.53 -15.29 40.06
N THR A 77 -22.77 -15.52 39.68
CA THR A 77 -23.16 -16.78 39.04
C THR A 77 -22.81 -16.74 37.56
N ALA A 78 -23.05 -15.59 36.93
CA ALA A 78 -22.74 -15.41 35.52
C ALA A 78 -21.24 -15.47 35.28
N ARG A 79 -20.47 -14.81 36.14
CA ARG A 79 -19.02 -14.78 36.00
C ARG A 79 -18.41 -16.14 36.32
N CYS A 80 -19.06 -16.88 37.23
CA CYS A 80 -18.56 -18.19 37.62
C CYS A 80 -18.85 -19.20 36.52
N THR A 81 -19.95 -18.98 35.81
CA THR A 81 -20.37 -19.88 34.75
C THR A 81 -19.51 -19.70 33.51
N ALA A 82 -19.22 -18.45 33.17
CA ALA A 82 -18.36 -18.14 32.03
C ALA A 82 -16.95 -18.67 32.28
N GLY A 83 -16.49 -18.50 33.52
CA GLY A 83 -15.16 -18.96 33.91
C GLY A 83 -15.01 -20.46 33.77
N THR A 84 -16.12 -21.18 33.91
CA THR A 84 -16.12 -22.63 33.78
C THR A 84 -15.77 -23.02 32.35
N LEU A 85 -16.62 -22.59 31.42
CA LEU A 85 -16.47 -22.89 30.00
C LEU A 85 -15.08 -22.51 29.48
N HIS A 86 -14.53 -21.44 30.03
CA HIS A 86 -13.17 -21.03 29.75
C HIS A 86 -12.20 -22.16 30.05
N ASN A 87 -12.28 -22.70 31.27
CA ASN A 87 -11.40 -23.78 31.70
C ASN A 87 -11.49 -25.02 30.81
N LEU A 88 -12.66 -25.19 30.19
CA LEU A 88 -12.92 -26.31 29.30
C LEU A 88 -12.35 -26.07 27.92
N SER A 89 -12.29 -24.81 27.52
CA SER A 89 -11.83 -24.44 26.19
C SER A 89 -10.34 -24.70 25.99
N HIS A 90 -9.66 -25.08 27.07
CA HIS A 90 -8.23 -25.38 27.00
C HIS A 90 -7.96 -26.74 26.38
N HIS A 91 -8.97 -27.61 26.43
CA HIS A 91 -8.82 -28.97 25.91
C HIS A 91 -9.59 -29.17 24.62
N ARG A 92 -9.05 -30.02 23.75
CA ARG A 92 -9.60 -30.23 22.42
C ARG A 92 -11.05 -30.73 22.45
N GLU A 93 -11.36 -31.58 23.42
CA GLU A 93 -12.74 -32.08 23.54
C GLU A 93 -13.63 -31.07 24.26
N GLY A 94 -13.00 -30.23 25.09
CA GLY A 94 -13.73 -29.18 25.79
C GLY A 94 -14.27 -28.16 24.82
N LEU A 95 -13.51 -27.92 23.74
CA LEU A 95 -13.95 -27.03 22.68
C LEU A 95 -15.20 -27.60 22.02
N LEU A 96 -15.07 -28.82 21.52
CA LEU A 96 -16.19 -29.53 20.90
C LEU A 96 -17.40 -29.60 21.82
N ALA A 97 -17.14 -29.81 23.11
CA ALA A 97 -18.20 -29.84 24.11
C ALA A 97 -18.98 -28.52 24.08
N ILE A 98 -18.24 -27.41 24.11
CA ILE A 98 -18.85 -26.09 24.04
C ILE A 98 -19.42 -25.84 22.64
N PHE A 99 -18.71 -26.32 21.62
CA PHE A 99 -19.10 -26.11 20.23
C PHE A 99 -20.49 -26.68 19.92
N LYS A 100 -20.62 -28.01 20.02
CA LYS A 100 -21.87 -28.68 19.70
C LYS A 100 -23.00 -28.36 20.68
N SER A 101 -22.65 -27.88 21.87
CA SER A 101 -23.65 -27.50 22.87
C SER A 101 -24.26 -26.14 22.57
N GLY A 102 -23.88 -25.54 21.45
CA GLY A 102 -24.39 -24.24 21.07
C GLY A 102 -23.94 -23.14 22.02
N GLY A 103 -22.70 -23.24 22.49
CA GLY A 103 -22.16 -22.27 23.42
C GLY A 103 -21.72 -20.98 22.75
N ILE A 104 -21.39 -21.08 21.47
CA ILE A 104 -20.93 -19.92 20.69
C ILE A 104 -21.94 -18.76 20.64
N PRO A 105 -23.22 -19.03 20.30
CA PRO A 105 -24.16 -17.90 20.30
C PRO A 105 -24.39 -17.35 21.71
N ALA A 106 -24.17 -18.19 22.72
CA ALA A 106 -24.32 -17.76 24.11
C ALA A 106 -23.18 -16.83 24.52
N LEU A 107 -21.96 -17.23 24.20
CA LEU A 107 -20.77 -16.45 24.53
C LEU A 107 -20.79 -15.08 23.83
N VAL A 108 -21.26 -15.07 22.58
CA VAL A 108 -21.41 -13.83 21.83
C VAL A 108 -22.44 -12.92 22.51
N LYS A 109 -23.52 -13.50 23.01
CA LYS A 109 -24.52 -12.73 23.75
C LYS A 109 -23.90 -12.19 25.04
N MET A 110 -22.93 -12.92 25.58
CA MET A 110 -22.21 -12.48 26.78
C MET A 110 -21.21 -11.38 26.49
N LEU A 111 -21.05 -11.03 25.22
CA LEU A 111 -20.21 -9.91 24.83
C LEU A 111 -20.99 -8.60 24.97
N GLY A 112 -22.26 -8.72 25.32
CA GLY A 112 -23.08 -7.56 25.60
C GLY A 112 -23.22 -7.35 27.10
N SER A 113 -22.65 -8.28 27.86
CA SER A 113 -22.71 -8.27 29.31
C SER A 113 -22.07 -7.01 29.89
N PRO A 114 -22.64 -6.49 31.00
CA PRO A 114 -22.01 -5.34 31.63
C PRO A 114 -20.79 -5.77 32.46
N VAL A 115 -20.12 -4.79 33.07
CA VAL A 115 -18.97 -4.99 33.96
C VAL A 115 -18.84 -6.36 34.64
N ASP A 116 -17.66 -6.98 34.56
CA ASP A 116 -16.62 -6.68 33.58
C ASP A 116 -15.84 -7.95 33.22
N SER A 117 -15.80 -8.90 34.17
CA SER A 117 -14.99 -10.10 34.11
C SER A 117 -15.64 -11.16 33.23
N VAL A 118 -16.93 -10.99 32.99
CA VAL A 118 -17.71 -11.90 32.15
C VAL A 118 -17.35 -11.68 30.68
N LEU A 119 -17.12 -10.42 30.31
CA LEU A 119 -16.62 -10.08 28.99
C LEU A 119 -15.28 -10.77 28.73
N PHE A 120 -14.47 -10.88 29.79
CA PHE A 120 -13.14 -11.46 29.66
C PHE A 120 -13.16 -12.96 29.40
N TYR A 121 -13.91 -13.70 30.22
CA TYR A 121 -14.03 -15.14 30.03
C TYR A 121 -14.68 -15.48 28.70
N ALA A 122 -15.65 -14.65 28.30
CA ALA A 122 -16.38 -14.85 27.06
C ALA A 122 -15.47 -14.68 25.84
N ILE A 123 -14.78 -13.55 25.78
CA ILE A 123 -13.91 -13.24 24.64
C ILE A 123 -12.71 -14.18 24.56
N THR A 124 -12.29 -14.69 25.71
CA THR A 124 -11.16 -15.62 25.76
C THR A 124 -11.56 -16.99 25.24
N THR A 125 -12.75 -17.44 25.65
CA THR A 125 -13.26 -18.74 25.22
C THR A 125 -13.49 -18.77 23.72
N LEU A 126 -14.12 -17.70 23.21
CA LEU A 126 -14.32 -17.53 21.78
C LEU A 126 -12.97 -17.56 21.05
N HIS A 127 -11.99 -16.89 21.64
CA HIS A 127 -10.65 -16.84 21.08
C HIS A 127 -10.05 -18.23 20.92
N ASN A 128 -10.11 -19.02 21.98
CA ASN A 128 -9.64 -20.40 21.94
C ASN A 128 -10.38 -21.22 20.89
N LEU A 129 -11.70 -21.02 20.82
CA LEU A 129 -12.52 -21.70 19.81
C LEU A 129 -12.12 -21.29 18.41
N LEU A 130 -11.91 -19.98 18.21
CA LEU A 130 -11.51 -19.45 16.90
C LEU A 130 -10.13 -19.95 16.51
N LEU A 131 -9.27 -20.14 17.48
CA LEU A 131 -7.90 -20.61 17.24
C LEU A 131 -7.87 -22.06 16.80
N HIS A 132 -8.42 -22.94 17.63
CA HIS A 132 -8.25 -24.38 17.45
C HIS A 132 -9.50 -25.07 16.92
N GLN A 133 -10.65 -24.81 17.54
CA GLN A 133 -11.89 -25.46 17.17
C GLN A 133 -12.32 -25.10 15.75
N GLU A 134 -12.55 -26.13 14.93
CA GLU A 134 -13.01 -25.92 13.56
C GLU A 134 -14.51 -25.71 13.50
N GLY A 135 -14.95 -24.81 12.63
CA GLY A 135 -16.36 -24.49 12.50
C GLY A 135 -16.74 -23.28 13.32
N ALA A 136 -15.84 -22.88 14.23
CA ALA A 136 -16.11 -21.76 15.14
C ALA A 136 -16.19 -20.43 14.40
N LYS A 137 -15.30 -20.22 13.43
CA LYS A 137 -15.28 -19.01 12.61
C LYS A 137 -16.66 -18.64 12.09
N MET A 138 -17.18 -19.49 11.23
CA MET A 138 -18.48 -19.25 10.59
C MET A 138 -19.58 -19.17 11.64
N ALA A 139 -19.47 -20.01 12.68
CA ALA A 139 -20.43 -20.01 13.77
C ALA A 139 -20.48 -18.66 14.49
N VAL A 140 -19.30 -18.10 14.76
CA VAL A 140 -19.23 -16.79 15.42
C VAL A 140 -19.78 -15.70 14.51
N ARG A 141 -19.45 -15.76 13.23
CA ARG A 141 -19.95 -14.81 12.24
C ARG A 141 -21.47 -14.83 12.20
N LEU A 142 -22.03 -16.03 12.16
CA LEU A 142 -23.48 -16.21 12.11
C LEU A 142 -24.17 -15.75 13.40
N ALA A 143 -23.47 -15.85 14.51
CA ALA A 143 -24.01 -15.43 15.80
C ALA A 143 -23.97 -13.91 15.96
N GLY A 144 -23.36 -13.22 15.00
CA GLY A 144 -23.21 -11.79 15.06
C GLY A 144 -22.04 -11.40 15.96
N GLY A 145 -21.00 -12.23 15.97
CA GLY A 145 -19.83 -11.99 16.77
C GLY A 145 -19.04 -10.78 16.32
N LEU A 146 -18.94 -10.62 14.99
CA LEU A 146 -18.20 -9.50 14.40
C LEU A 146 -18.71 -8.15 14.88
N GLN A 147 -20.02 -7.98 14.88
CA GLN A 147 -20.63 -6.73 15.35
C GLN A 147 -20.35 -6.49 16.82
N LYS A 148 -20.52 -7.54 17.63
CA LYS A 148 -20.27 -7.46 19.07
C LYS A 148 -18.82 -7.10 19.38
N MET A 149 -17.90 -7.74 18.68
CA MET A 149 -16.47 -7.52 18.91
C MET A 149 -16.01 -6.12 18.53
N VAL A 150 -16.51 -5.61 17.40
CA VAL A 150 -16.19 -4.26 16.96
C VAL A 150 -16.68 -3.23 17.97
N ALA A 151 -17.86 -3.47 18.53
CA ALA A 151 -18.44 -2.57 19.53
C ALA A 151 -17.60 -2.50 20.80
N LEU A 152 -16.91 -3.59 21.12
CA LEU A 152 -16.09 -3.67 22.32
C LEU A 152 -14.74 -2.97 22.18
N LEU A 153 -14.44 -2.47 20.98
CA LEU A 153 -13.17 -1.83 20.72
C LEU A 153 -13.03 -0.46 21.41
N ASN A 154 -14.13 0.00 22.02
CA ASN A 154 -14.09 1.27 22.76
C ASN A 154 -13.80 1.05 24.24
N LYS A 155 -13.54 -0.19 24.63
CA LYS A 155 -13.14 -0.50 26.00
C LYS A 155 -11.72 -0.01 26.25
N THR A 156 -11.27 -0.12 27.50
CA THR A 156 -10.02 0.51 27.91
C THR A 156 -8.99 -0.44 28.51
N ASN A 157 -9.31 -1.73 28.57
CA ASN A 157 -8.37 -2.73 29.06
C ASN A 157 -7.54 -3.31 27.90
N VAL A 158 -6.24 -3.05 27.92
CA VAL A 158 -5.37 -3.41 26.80
C VAL A 158 -5.29 -4.91 26.52
N LYS A 159 -5.38 -5.71 27.58
CA LYS A 159 -5.36 -7.16 27.42
C LYS A 159 -6.65 -7.64 26.79
N PHE A 160 -7.75 -7.02 27.20
CA PHE A 160 -9.06 -7.33 26.63
C PHE A 160 -9.11 -6.89 25.16
N LEU A 161 -8.51 -5.74 24.88
CA LEU A 161 -8.47 -5.21 23.52
C LEU A 161 -7.56 -6.05 22.62
N ALA A 162 -6.49 -6.59 23.20
CA ALA A 162 -5.56 -7.43 22.45
C ALA A 162 -6.22 -8.74 22.03
N ILE A 163 -7.01 -9.32 22.92
CA ILE A 163 -7.73 -10.55 22.63
C ILE A 163 -8.83 -10.29 21.60
N THR A 164 -9.55 -9.18 21.80
CA THR A 164 -10.66 -8.82 20.91
C THR A 164 -10.18 -8.55 19.49
N THR A 165 -9.11 -7.78 19.36
CA THR A 165 -8.56 -7.46 18.04
C THR A 165 -8.04 -8.70 17.33
N ASP A 166 -7.52 -9.66 18.09
CA ASP A 166 -6.99 -10.89 17.49
C ASP A 166 -8.11 -11.75 16.91
N CYS A 167 -9.23 -11.80 17.62
CA CYS A 167 -10.42 -12.51 17.14
C CYS A 167 -10.88 -11.92 15.81
N LEU A 168 -10.99 -10.59 15.76
CA LEU A 168 -11.38 -9.88 14.55
C LEU A 168 -10.44 -10.18 13.40
N GLN A 169 -9.16 -10.33 13.71
CA GLN A 169 -8.16 -10.65 12.69
C GLN A 169 -8.37 -12.06 12.14
N ILE A 170 -8.58 -13.01 13.05
CA ILE A 170 -8.82 -14.40 12.69
C ILE A 170 -10.07 -14.52 11.82
N LEU A 171 -11.08 -13.72 12.14
CA LEU A 171 -12.35 -13.77 11.44
C LEU A 171 -12.34 -13.06 10.09
N ALA A 172 -11.48 -12.07 9.95
CA ALA A 172 -11.48 -11.25 8.74
C ALA A 172 -10.50 -11.75 7.68
N TYR A 173 -9.44 -12.42 8.10
CA TYR A 173 -8.42 -12.87 7.17
C TYR A 173 -8.96 -13.85 6.13
N GLY A 174 -8.74 -13.54 4.86
CA GLY A 174 -9.21 -14.37 3.76
C GLY A 174 -10.71 -14.56 3.81
N ASN A 175 -11.42 -13.48 4.10
CA ASN A 175 -12.88 -13.53 4.20
C ASN A 175 -13.48 -12.15 3.98
N GLN A 176 -13.64 -11.78 2.71
CA GLN A 176 -14.13 -10.45 2.34
C GLN A 176 -15.48 -10.12 2.96
N GLU A 177 -16.26 -11.15 3.24
CA GLU A 177 -17.57 -11.00 3.86
C GLU A 177 -17.44 -10.36 5.24
N SER A 178 -16.53 -10.87 6.05
CA SER A 178 -16.30 -10.34 7.38
C SER A 178 -15.71 -8.94 7.33
N LYS A 179 -14.85 -8.68 6.35
CA LYS A 179 -14.20 -7.38 6.20
C LYS A 179 -15.22 -6.27 5.99
N LEU A 180 -16.26 -6.56 5.21
CA LEU A 180 -17.29 -5.56 4.93
C LEU A 180 -18.22 -5.36 6.13
N ILE A 181 -18.38 -6.39 6.94
CA ILE A 181 -19.17 -6.30 8.17
C ILE A 181 -18.46 -5.40 9.17
N ILE A 182 -17.16 -5.67 9.37
CA ILE A 182 -16.33 -4.86 10.25
C ILE A 182 -16.37 -3.39 9.84
N LEU A 183 -16.34 -3.16 8.53
CA LEU A 183 -16.44 -1.82 7.98
C LEU A 183 -17.75 -1.15 8.36
N ALA A 184 -18.84 -1.88 8.14
CA ALA A 184 -20.18 -1.37 8.46
C ALA A 184 -20.33 -1.06 9.94
N SER A 185 -19.70 -1.88 10.78
CA SER A 185 -19.78 -1.71 12.23
C SER A 185 -18.89 -0.58 12.74
N GLY A 186 -18.08 0.00 11.84
CA GLY A 186 -17.21 1.11 12.22
C GLY A 186 -15.86 0.64 12.70
N GLY A 187 -15.43 -0.51 12.20
CA GLY A 187 -14.12 -1.07 12.52
C GLY A 187 -12.93 -0.15 12.33
N PRO A 188 -12.72 0.37 11.10
CA PRO A 188 -11.61 1.27 10.77
C PRO A 188 -11.36 2.38 11.79
N GLN A 189 -12.39 3.10 12.18
CA GLN A 189 -12.23 4.24 13.10
C GLN A 189 -11.82 3.78 14.50
N ALA A 190 -12.39 2.67 14.96
CA ALA A 190 -12.10 2.14 16.27
C ALA A 190 -10.67 1.61 16.35
N LEU A 191 -10.23 0.97 15.28
CA LEU A 191 -8.89 0.39 15.22
C LEU A 191 -7.82 1.48 15.14
N VAL A 192 -8.12 2.54 14.40
CA VAL A 192 -7.20 3.67 14.29
C VAL A 192 -7.06 4.40 15.62
N ASN A 193 -8.19 4.57 16.32
CA ASN A 193 -8.18 5.19 17.64
C ASN A 193 -7.31 4.43 18.62
N ILE A 194 -7.35 3.10 18.53
CA ILE A 194 -6.49 2.26 19.35
C ILE A 194 -5.01 2.52 19.04
N MET A 195 -4.69 2.66 17.76
CA MET A 195 -3.32 2.93 17.36
C MET A 195 -2.86 4.32 17.80
N ARG A 196 -3.81 5.24 17.96
CA ARG A 196 -3.51 6.61 18.38
C ARG A 196 -3.42 6.75 19.90
N THR A 197 -3.93 5.76 20.62
CA THR A 197 -4.10 5.89 22.06
C THR A 197 -3.09 5.10 22.90
N TYR A 198 -2.90 3.83 22.56
CA TYR A 198 -2.17 2.91 23.42
C TYR A 198 -0.70 2.71 23.05
N THR A 199 0.08 2.23 24.02
CA THR A 199 1.50 1.99 23.82
C THR A 199 1.83 0.51 24.02
N TYR A 200 0.82 -0.25 24.43
CA TYR A 200 0.97 -1.67 24.69
C TYR A 200 1.28 -2.42 23.39
N GLU A 201 2.53 -2.87 23.25
CA GLU A 201 3.04 -3.47 22.03
C GLU A 201 2.15 -4.56 21.44
N LYS A 202 1.79 -5.54 22.28
CA LYS A 202 1.00 -6.67 21.84
C LYS A 202 -0.34 -6.23 21.26
N LEU A 203 -0.90 -5.17 21.83
CA LEU A 203 -2.16 -4.62 21.33
C LEU A 203 -1.94 -3.87 20.01
N LEU A 204 -0.92 -3.02 19.99
CA LEU A 204 -0.58 -2.26 18.79
C LEU A 204 -0.29 -3.19 17.63
N TRP A 205 0.42 -4.27 17.92
CA TRP A 205 0.77 -5.27 16.91
C TRP A 205 -0.48 -5.97 16.39
N THR A 206 -1.28 -6.47 17.32
CA THR A 206 -2.50 -7.19 16.98
C THR A 206 -3.48 -6.32 16.20
N THR A 207 -3.60 -5.06 16.60
CA THR A 207 -4.48 -4.12 15.93
C THR A 207 -3.97 -3.80 14.52
N SER A 208 -2.65 -3.70 14.39
CA SER A 208 -2.04 -3.42 13.10
C SER A 208 -2.26 -4.56 12.11
N ARG A 209 -2.35 -5.78 12.62
CA ARG A 209 -2.59 -6.96 11.79
C ARG A 209 -4.02 -6.96 11.25
N VAL A 210 -4.95 -6.42 12.04
CA VAL A 210 -6.33 -6.30 11.59
C VAL A 210 -6.43 -5.24 10.50
N LEU A 211 -5.79 -4.11 10.74
CA LEU A 211 -5.77 -3.03 9.77
C LEU A 211 -5.10 -3.46 8.46
N LYS A 212 -4.09 -4.32 8.58
CA LYS A 212 -3.40 -4.84 7.40
C LYS A 212 -4.33 -5.68 6.55
N VAL A 213 -5.10 -6.54 7.21
CA VAL A 213 -6.08 -7.38 6.55
C VAL A 213 -7.15 -6.54 5.87
N LEU A 214 -7.59 -5.48 6.55
CA LEU A 214 -8.61 -4.60 6.00
C LEU A 214 -8.06 -3.70 4.89
N SER A 215 -6.75 -3.47 4.90
CA SER A 215 -6.13 -2.54 3.98
C SER A 215 -6.20 -2.98 2.51
N VAL A 216 -6.21 -4.29 2.28
CA VAL A 216 -6.28 -4.82 0.92
C VAL A 216 -7.70 -4.77 0.37
N CYS A 217 -8.66 -4.50 1.24
CA CYS A 217 -10.05 -4.35 0.83
C CYS A 217 -10.28 -2.97 0.22
N SER A 218 -10.91 -2.96 -0.95
CA SER A 218 -11.16 -1.71 -1.67
C SER A 218 -12.17 -0.81 -0.96
N SER A 219 -12.96 -1.39 -0.08
CA SER A 219 -13.97 -0.63 0.65
C SER A 219 -13.44 -0.13 1.98
N ASN A 220 -12.68 -0.98 2.68
CA ASN A 220 -12.08 -0.59 3.95
C ASN A 220 -10.97 0.44 3.80
N LYS A 221 -10.08 0.23 2.83
CA LYS A 221 -8.93 1.12 2.59
C LYS A 221 -9.23 2.63 2.66
N PRO A 222 -10.28 3.10 1.93
CA PRO A 222 -10.56 4.54 2.03
C PRO A 222 -11.07 4.93 3.42
N ALA A 223 -11.73 4.00 4.09
CA ALA A 223 -12.25 4.27 5.42
C ALA A 223 -11.12 4.39 6.44
N ILE A 224 -10.11 3.53 6.32
CA ILE A 224 -8.93 3.61 7.17
C ILE A 224 -8.25 4.96 6.99
N VAL A 225 -8.02 5.31 5.73
CA VAL A 225 -7.39 6.58 5.37
C VAL A 225 -8.17 7.77 5.92
N GLU A 226 -9.50 7.72 5.77
CA GLU A 226 -10.36 8.80 6.24
C GLU A 226 -10.33 8.92 7.77
N ALA A 227 -10.07 7.81 8.44
CA ALA A 227 -10.02 7.80 9.91
C ALA A 227 -8.67 8.34 10.42
N GLY A 228 -7.79 8.70 9.50
CA GLY A 228 -6.47 9.17 9.87
C GLY A 228 -5.55 8.01 10.16
N GLY A 229 -5.79 6.89 9.48
CA GLY A 229 -5.04 5.67 9.71
C GLY A 229 -3.56 5.78 9.38
N MET A 230 -3.25 6.58 8.36
CA MET A 230 -1.87 6.71 7.93
C MET A 230 -1.00 7.49 8.91
N GLN A 231 -1.54 8.56 9.46
CA GLN A 231 -0.85 9.31 10.50
C GLN A 231 -0.67 8.45 11.74
N ALA A 232 -1.72 7.71 12.09
CA ALA A 232 -1.72 6.87 13.28
C ALA A 232 -0.68 5.75 13.18
N LEU A 233 -0.62 5.10 12.02
CA LEU A 233 0.35 4.04 11.79
C LEU A 233 1.76 4.62 11.73
N GLY A 234 1.86 5.87 11.30
CA GLY A 234 3.15 6.54 11.20
C GLY A 234 3.79 6.78 12.55
N LEU A 235 2.97 6.81 13.59
CA LEU A 235 3.44 7.04 14.95
C LEU A 235 4.38 5.94 15.44
N HIS A 236 4.21 4.75 14.90
CA HIS A 236 4.89 3.56 15.42
C HIS A 236 6.02 3.05 14.52
N LEU A 237 6.44 3.87 13.57
CA LEU A 237 7.48 3.46 12.62
C LEU A 237 8.88 3.48 13.23
N THR A 238 8.99 4.02 14.44
CA THR A 238 10.28 4.06 15.15
C THR A 238 10.24 3.20 16.41
N ASP A 239 9.17 2.43 16.58
CA ASP A 239 9.03 1.54 17.72
C ASP A 239 10.08 0.44 17.66
N PRO A 240 10.63 0.05 18.83
CA PRO A 240 11.63 -1.01 18.92
C PRO A 240 11.14 -2.36 18.41
N SER A 241 9.82 -2.56 18.39
CA SER A 241 9.25 -3.81 17.91
C SER A 241 9.22 -3.84 16.38
N GLN A 242 10.05 -4.70 15.79
CA GLN A 242 10.17 -4.78 14.34
C GLN A 242 8.92 -5.34 13.68
N ARG A 243 8.26 -6.27 14.37
CA ARG A 243 7.04 -6.87 13.84
C ARG A 243 5.92 -5.84 13.78
N LEU A 244 5.94 -4.88 14.70
CA LEU A 244 4.96 -3.80 14.71
C LEU A 244 5.31 -2.79 13.62
N VAL A 245 6.59 -2.48 13.49
CA VAL A 245 7.06 -1.55 12.46
C VAL A 245 6.73 -2.07 11.08
N GLN A 246 7.04 -3.34 10.84
CA GLN A 246 6.82 -3.96 9.55
C GLN A 246 5.34 -4.04 9.20
N ASN A 247 4.51 -4.39 10.17
CA ASN A 247 3.07 -4.41 9.98
C ASN A 247 2.51 -3.04 9.60
N CYS A 248 3.01 -2.01 10.26
CA CYS A 248 2.59 -0.65 9.96
C CYS A 248 3.05 -0.24 8.57
N LEU A 249 4.24 -0.67 8.18
CA LEU A 249 4.76 -0.38 6.85
C LEU A 249 3.94 -1.07 5.75
N TRP A 250 3.72 -2.37 5.92
CA TRP A 250 2.89 -3.14 4.99
C TRP A 250 1.52 -2.51 4.81
N THR A 251 0.90 -2.15 5.92
CA THR A 251 -0.43 -1.55 5.89
C THR A 251 -0.38 -0.18 5.22
N LEU A 252 0.65 0.61 5.55
CA LEU A 252 0.80 1.95 5.00
C LEU A 252 0.96 1.92 3.48
N ARG A 253 1.64 0.90 2.96
CA ARG A 253 1.83 0.79 1.52
C ARG A 253 0.50 0.51 0.82
N ASN A 254 -0.29 -0.39 1.39
CA ASN A 254 -1.61 -0.69 0.87
C ASN A 254 -2.54 0.53 0.96
N LEU A 255 -2.43 1.28 2.05
CA LEU A 255 -3.28 2.43 2.26
C LEU A 255 -2.89 3.61 1.38
N SER A 256 -1.58 3.84 1.26
CA SER A 256 -1.07 4.94 0.46
C SER A 256 -1.36 4.68 -1.01
N ASP A 257 -1.51 3.40 -1.35
CA ASP A 257 -1.88 2.98 -2.69
C ASP A 257 -3.17 3.68 -3.12
N ALA A 258 -2.99 4.89 -3.67
CA ALA A 258 -4.08 5.76 -4.13
C ALA A 258 -4.93 6.35 -3.01
N ALA A 259 -4.28 6.74 -1.91
CA ALA A 259 -4.97 7.42 -0.82
C ALA A 259 -5.34 8.84 -1.25
N THR A 260 -5.87 9.62 -0.32
CA THR A 260 -6.30 10.98 -0.63
C THR A 260 -5.31 12.03 -0.11
N LYS A 261 -5.69 13.30 -0.26
CA LYS A 261 -4.88 14.40 0.23
C LYS A 261 -5.07 14.54 1.74
N GLN A 262 -4.09 14.06 2.51
CA GLN A 262 -4.16 14.14 3.96
C GLN A 262 -3.28 15.28 4.49
N GLU A 263 -3.71 15.87 5.60
CA GLU A 263 -2.90 16.86 6.30
C GLU A 263 -2.19 16.17 7.45
N GLY A 264 -1.19 16.84 8.03
CA GLY A 264 -0.45 16.29 9.14
C GLY A 264 0.39 15.08 8.75
N MET A 265 0.89 15.09 7.52
CA MET A 265 1.70 14.00 7.01
C MET A 265 3.19 14.28 7.16
N GLU A 266 3.50 15.46 7.72
CA GLU A 266 4.89 15.91 7.85
C GLU A 266 5.78 14.92 8.57
N GLY A 267 5.35 14.46 9.75
CA GLY A 267 6.12 13.53 10.54
C GLY A 267 6.31 12.20 9.84
N LEU A 268 5.23 11.66 9.30
CA LEU A 268 5.24 10.40 8.58
C LEU A 268 6.24 10.42 7.43
N LEU A 269 6.17 11.47 6.62
CA LEU A 269 7.06 11.63 5.47
C LEU A 269 8.52 11.71 5.90
N GLY A 270 8.78 12.43 6.98
CA GLY A 270 10.13 12.55 7.51
C GLY A 270 10.70 11.23 7.98
N THR A 271 9.85 10.43 8.62
CA THR A 271 10.25 9.12 9.11
C THR A 271 10.49 8.15 7.96
N LEU A 272 9.66 8.23 6.93
CA LEU A 272 9.79 7.37 5.76
C LEU A 272 11.14 7.58 5.06
N VAL A 273 11.50 8.84 4.85
CA VAL A 273 12.79 9.20 4.27
C VAL A 273 13.91 8.65 5.14
N GLN A 274 13.72 8.78 6.45
CA GLN A 274 14.66 8.28 7.43
C GLN A 274 14.81 6.76 7.31
N LEU A 275 13.68 6.06 7.14
CA LEU A 275 13.68 4.60 7.06
C LEU A 275 14.34 4.06 5.80
N LEU A 276 14.63 4.93 4.83
CA LEU A 276 15.28 4.51 3.60
C LEU A 276 16.71 4.03 3.83
N GLY A 277 17.32 4.51 4.91
CA GLY A 277 18.68 4.13 5.24
C GLY A 277 18.77 2.86 6.06
N SER A 278 17.62 2.28 6.37
CA SER A 278 17.54 1.07 7.18
C SER A 278 18.33 -0.09 6.57
N ASP A 279 18.89 -0.93 7.43
CA ASP A 279 19.65 -2.09 6.99
C ASP A 279 18.73 -3.25 6.63
N ASP A 280 17.47 -3.13 7.03
CA ASP A 280 16.46 -4.12 6.66
C ASP A 280 15.93 -3.78 5.27
N ILE A 281 16.09 -4.71 4.35
CA ILE A 281 15.70 -4.49 2.96
C ILE A 281 14.18 -4.33 2.83
N ASN A 282 13.43 -5.09 3.61
CA ASN A 282 11.98 -5.02 3.58
C ASN A 282 11.43 -3.70 4.12
N VAL A 283 12.19 -3.06 5.02
CA VAL A 283 11.82 -1.75 5.51
C VAL A 283 12.09 -0.71 4.42
N VAL A 284 13.19 -0.90 3.70
CA VAL A 284 13.56 -0.02 2.60
C VAL A 284 12.58 -0.11 1.44
N THR A 285 12.20 -1.35 1.10
CA THR A 285 11.27 -1.59 0.02
C THR A 285 9.92 -0.92 0.27
N CYS A 286 9.43 -1.06 1.49
CA CYS A 286 8.14 -0.46 1.88
C CYS A 286 8.23 1.06 1.91
N ALA A 287 9.29 1.58 2.51
CA ALA A 287 9.47 3.02 2.64
C ALA A 287 9.53 3.70 1.28
N ALA A 288 10.19 3.06 0.32
CA ALA A 288 10.26 3.60 -1.04
C ALA A 288 8.90 3.57 -1.70
N GLY A 289 8.18 2.47 -1.53
CA GLY A 289 6.87 2.30 -2.13
C GLY A 289 5.87 3.31 -1.62
N ILE A 290 5.87 3.52 -0.31
CA ILE A 290 4.95 4.47 0.31
C ILE A 290 5.27 5.89 -0.12
N LEU A 291 6.55 6.24 -0.11
CA LEU A 291 6.98 7.56 -0.55
C LEU A 291 6.63 7.79 -2.01
N SER A 292 6.70 6.73 -2.80
CA SER A 292 6.31 6.77 -4.21
C SER A 292 4.83 7.11 -4.34
N ASN A 293 4.00 6.41 -3.58
CA ASN A 293 2.56 6.62 -3.61
C ASN A 293 2.12 7.98 -3.07
N LEU A 294 2.76 8.43 -2.01
CA LEU A 294 2.36 9.66 -1.34
C LEU A 294 2.77 10.92 -2.09
N THR A 295 3.78 10.80 -2.94
CA THR A 295 4.29 11.95 -3.68
C THR A 295 3.59 12.12 -5.04
N CYS A 296 2.99 11.05 -5.53
CA CYS A 296 2.32 11.07 -6.83
C CYS A 296 1.20 12.11 -6.88
N ASN A 297 1.37 13.10 -7.75
CA ASN A 297 0.40 14.18 -7.94
C ASN A 297 0.02 14.91 -6.65
N ASN A 298 1.01 15.09 -5.77
CA ASN A 298 0.80 15.79 -4.51
C ASN A 298 2.01 16.67 -4.22
N TYR A 299 1.97 17.90 -4.72
CA TYR A 299 3.12 18.80 -4.64
C TYR A 299 3.51 19.14 -3.20
N LYS A 300 2.51 19.18 -2.31
CA LYS A 300 2.76 19.43 -0.90
C LYS A 300 3.67 18.35 -0.32
N ASN A 301 3.34 17.10 -0.60
CA ASN A 301 4.15 15.98 -0.15
C ASN A 301 5.51 15.96 -0.85
N LYS A 302 5.53 16.41 -2.11
CA LYS A 302 6.78 16.51 -2.86
C LYS A 302 7.74 17.49 -2.19
N MET A 303 7.20 18.64 -1.80
CA MET A 303 7.97 19.67 -1.12
C MET A 303 8.64 19.13 0.14
N MET A 304 7.82 18.57 1.03
CA MET A 304 8.29 18.09 2.32
C MET A 304 9.34 17.00 2.20
N VAL A 305 9.11 16.03 1.32
CA VAL A 305 10.07 14.95 1.10
C VAL A 305 11.41 15.51 0.61
N CYS A 306 11.35 16.48 -0.29
CA CYS A 306 12.56 17.15 -0.77
C CYS A 306 13.24 17.92 0.36
N GLN A 307 12.43 18.57 1.18
CA GLN A 307 12.96 19.43 2.24
C GLN A 307 13.59 18.67 3.41
N VAL A 308 13.36 17.36 3.46
CA VAL A 308 13.95 16.54 4.51
C VAL A 308 15.04 15.62 3.96
N GLY A 309 15.49 15.92 2.75
CA GLY A 309 16.58 15.17 2.14
C GLY A 309 16.14 13.94 1.37
N GLY A 310 14.93 14.00 0.81
CA GLY A 310 14.36 12.87 0.10
C GLY A 310 15.15 12.45 -1.13
N ILE A 311 15.58 13.41 -1.93
CA ILE A 311 16.35 13.14 -3.13
C ILE A 311 17.63 12.36 -2.80
N GLU A 312 18.44 12.93 -1.91
CA GLU A 312 19.69 12.30 -1.48
C GLU A 312 19.45 10.89 -0.95
N ALA A 313 18.42 10.74 -0.12
CA ALA A 313 18.09 9.45 0.46
C ALA A 313 17.64 8.46 -0.61
N LEU A 314 16.81 8.93 -1.55
CA LEU A 314 16.31 8.07 -2.61
C LEU A 314 17.41 7.70 -3.60
N VAL A 315 18.30 8.63 -3.88
CA VAL A 315 19.45 8.36 -4.75
C VAL A 315 20.36 7.31 -4.13
N ARG A 316 20.73 7.50 -2.85
CA ARG A 316 21.54 6.53 -2.12
C ARG A 316 20.89 5.16 -2.12
N THR A 317 19.57 5.15 -1.95
CA THR A 317 18.80 3.92 -1.94
C THR A 317 18.94 3.17 -3.27
N VAL A 318 18.81 3.89 -4.37
CA VAL A 318 18.96 3.31 -5.70
C VAL A 318 20.36 2.73 -5.90
N LEU A 319 21.37 3.48 -5.50
CA LEU A 319 22.76 3.04 -5.58
C LEU A 319 23.01 1.79 -4.74
N ARG A 320 22.42 1.78 -3.55
CA ARG A 320 22.60 0.68 -2.60
C ARG A 320 21.83 -0.56 -3.05
N ALA A 321 20.74 -0.35 -3.77
CA ALA A 321 19.84 -1.43 -4.15
C ALA A 321 20.40 -2.35 -5.23
N GLY A 322 21.34 -1.83 -6.03
CA GLY A 322 21.92 -2.60 -7.10
C GLY A 322 20.91 -2.94 -8.18
N ASP A 323 20.72 -4.23 -8.43
CA ASP A 323 19.74 -4.67 -9.42
C ASP A 323 18.46 -5.22 -8.78
N ARG A 324 18.28 -4.93 -7.50
CA ARG A 324 17.05 -5.29 -6.81
C ARG A 324 15.93 -4.34 -7.23
N GLU A 325 15.12 -4.78 -8.18
CA GLU A 325 14.07 -3.93 -8.74
C GLU A 325 12.88 -3.78 -7.80
N ASP A 326 12.86 -4.55 -6.72
CA ASP A 326 11.88 -4.38 -5.67
C ASP A 326 12.08 -3.01 -5.02
N ILE A 327 13.31 -2.52 -5.08
CA ILE A 327 13.69 -1.28 -4.44
C ILE A 327 13.85 -0.12 -5.41
N THR A 328 14.61 -0.34 -6.49
CA THR A 328 14.92 0.72 -7.43
C THR A 328 13.67 1.28 -8.12
N GLU A 329 12.73 0.39 -8.43
CA GLU A 329 11.51 0.79 -9.14
C GLU A 329 10.64 1.80 -8.38
N PRO A 330 10.27 1.52 -7.12
CA PRO A 330 9.53 2.56 -6.41
C PRO A 330 10.40 3.76 -6.05
N ALA A 331 11.71 3.55 -5.94
CA ALA A 331 12.63 4.64 -5.63
C ALA A 331 12.76 5.59 -6.81
N ILE A 332 12.92 5.03 -8.01
CA ILE A 332 12.95 5.82 -9.23
C ILE A 332 11.62 6.56 -9.43
N CYS A 333 10.52 5.83 -9.27
CA CYS A 333 9.18 6.41 -9.38
C CYS A 333 9.02 7.61 -8.46
N ALA A 334 9.48 7.47 -7.23
CA ALA A 334 9.44 8.55 -6.26
C ALA A 334 10.28 9.73 -6.74
N LEU A 335 11.47 9.44 -7.24
CA LEU A 335 12.36 10.46 -7.79
C LEU A 335 11.73 11.18 -8.97
N ARG A 336 10.98 10.45 -9.78
CA ARG A 336 10.28 11.03 -10.92
C ARG A 336 9.24 12.05 -10.45
N HIS A 337 8.50 11.69 -9.40
CA HIS A 337 7.48 12.59 -8.85
C HIS A 337 8.11 13.85 -8.27
N LEU A 338 9.20 13.68 -7.53
CA LEU A 338 9.86 14.79 -6.84
C LEU A 338 10.54 15.76 -7.80
N THR A 339 10.80 15.30 -9.02
CA THR A 339 11.53 16.12 -9.99
C THR A 339 10.62 16.82 -11.01
N SER A 340 9.37 17.04 -10.64
CA SER A 340 8.44 17.73 -11.52
C SER A 340 7.25 18.34 -10.78
N ARG A 341 6.78 19.47 -11.31
CA ARG A 341 5.51 20.08 -10.89
C ARG A 341 5.37 20.37 -9.39
N HIS A 342 6.37 21.05 -8.85
CA HIS A 342 6.28 21.64 -7.51
C HIS A 342 7.37 22.71 -7.37
N GLN A 343 7.27 23.51 -6.31
CA GLN A 343 8.12 24.69 -6.16
C GLN A 343 9.62 24.40 -6.21
N GLU A 344 10.02 23.25 -5.67
CA GLU A 344 11.44 22.89 -5.64
C GLU A 344 11.79 21.79 -6.63
N ALA A 345 11.08 21.75 -7.76
CA ALA A 345 11.31 20.75 -8.78
C ALA A 345 12.69 20.91 -9.41
N GLU A 346 13.04 22.13 -9.78
CA GLU A 346 14.34 22.41 -10.38
C GLU A 346 15.48 22.05 -9.44
N MET A 347 15.29 22.33 -8.16
CA MET A 347 16.29 22.01 -7.14
C MET A 347 16.48 20.50 -7.01
N ALA A 348 15.37 19.76 -7.09
CA ALA A 348 15.43 18.31 -7.05
C ALA A 348 16.12 17.74 -8.28
N GLN A 349 15.93 18.40 -9.42
CA GLN A 349 16.55 17.99 -10.67
C GLN A 349 18.07 18.14 -10.59
N ASN A 350 18.53 19.22 -9.97
CA ASN A 350 19.95 19.43 -9.73
C ASN A 350 20.47 18.45 -8.69
N ALA A 351 19.70 18.26 -7.63
CA ALA A 351 20.11 17.45 -6.49
C ALA A 351 20.47 16.01 -6.88
N VAL A 352 19.73 15.45 -7.84
CA VAL A 352 20.01 14.10 -8.33
C VAL A 352 21.42 14.03 -8.90
N ARG A 353 21.79 15.05 -9.67
CA ARG A 353 23.12 15.14 -10.25
C ARG A 353 24.17 15.35 -9.15
N LEU A 354 23.92 16.32 -8.28
CA LEU A 354 24.85 16.68 -7.23
C LEU A 354 25.14 15.52 -6.29
N HIS A 355 24.19 14.60 -6.18
CA HIS A 355 24.38 13.42 -5.33
C HIS A 355 24.70 12.18 -6.14
N TYR A 356 25.42 12.38 -7.24
CA TYR A 356 26.02 11.30 -8.02
C TYR A 356 24.98 10.31 -8.56
N GLY A 357 23.82 10.82 -8.96
CA GLY A 357 22.72 9.97 -9.38
C GLY A 357 22.61 9.68 -10.86
N LEU A 358 23.03 10.63 -11.70
CA LEU A 358 22.88 10.49 -13.14
C LEU A 358 23.49 9.22 -13.78
N PRO A 359 24.71 8.81 -13.38
CA PRO A 359 25.26 7.58 -13.97
C PRO A 359 24.40 6.34 -13.73
N VAL A 360 23.92 6.14 -12.51
CA VAL A 360 23.15 4.94 -12.20
C VAL A 360 21.76 4.97 -12.83
N VAL A 361 21.17 6.16 -12.93
CA VAL A 361 19.86 6.31 -13.54
C VAL A 361 19.90 5.85 -15.00
N VAL A 362 20.92 6.28 -15.74
CA VAL A 362 21.08 5.85 -17.12
C VAL A 362 21.34 4.35 -17.20
N LYS A 363 22.10 3.83 -16.25
CA LYS A 363 22.43 2.41 -16.21
C LYS A 363 21.17 1.54 -16.13
N LEU A 364 20.15 2.05 -15.44
CA LEU A 364 18.91 1.32 -15.23
C LEU A 364 18.06 1.18 -16.50
N LEU A 365 18.48 1.86 -17.57
CA LEU A 365 17.81 1.73 -18.86
C LEU A 365 18.23 0.44 -19.56
N HIS A 366 19.33 -0.15 -19.09
CA HIS A 366 19.88 -1.36 -19.70
C HIS A 366 19.42 -2.61 -18.95
N PRO A 367 19.58 -3.78 -19.58
CA PRO A 367 19.35 -5.05 -18.87
C PRO A 367 20.24 -5.15 -17.62
N PRO A 368 19.81 -5.91 -16.61
CA PRO A 368 18.64 -6.79 -16.60
C PRO A 368 17.35 -6.11 -16.16
N SER A 369 17.28 -4.79 -16.27
CA SER A 369 16.07 -4.06 -15.89
C SER A 369 14.86 -4.52 -16.68
N HIS A 370 13.73 -4.63 -15.99
CA HIS A 370 12.48 -5.05 -16.63
C HIS A 370 11.68 -3.81 -17.01
N TRP A 371 10.62 -4.00 -17.77
CA TRP A 371 9.83 -2.87 -18.30
C TRP A 371 9.28 -1.85 -17.28
N PRO A 372 8.74 -2.31 -16.14
CA PRO A 372 8.24 -1.33 -15.17
C PRO A 372 9.33 -0.36 -14.70
N LEU A 373 10.52 -0.88 -14.44
CA LEU A 373 11.63 -0.05 -14.02
C LEU A 373 12.12 0.85 -15.15
N ILE A 374 12.23 0.27 -16.34
CA ILE A 374 12.66 1.01 -17.52
C ILE A 374 11.71 2.19 -17.82
N LYS A 375 10.42 1.93 -17.75
CA LYS A 375 9.41 2.98 -17.94
C LYS A 375 9.55 4.10 -16.90
N ALA A 376 9.73 3.71 -15.64
CA ALA A 376 9.89 4.68 -14.57
C ALA A 376 11.16 5.49 -14.75
N THR A 377 12.22 4.83 -15.20
CA THR A 377 13.52 5.46 -15.38
C THR A 377 13.48 6.50 -16.50
N VAL A 378 12.89 6.13 -17.63
CA VAL A 378 12.72 7.03 -18.75
C VAL A 378 11.99 8.30 -18.32
N GLY A 379 10.91 8.13 -17.57
CA GLY A 379 10.14 9.26 -17.07
C GLY A 379 10.95 10.17 -16.16
N LEU A 380 11.91 9.58 -15.45
CA LEU A 380 12.79 10.35 -14.58
C LEU A 380 13.80 11.15 -15.41
N ILE A 381 14.39 10.51 -16.42
CA ILE A 381 15.30 11.18 -17.34
C ILE A 381 14.59 12.37 -17.98
N ARG A 382 13.33 12.19 -18.31
N ARG A 382 13.33 12.17 -18.30
CA ARG A 382 12.53 13.26 -18.92
CA ARG A 382 12.46 13.18 -18.88
C ARG A 382 12.46 14.47 -18.00
C ARG A 382 12.41 14.44 -18.01
N ASN A 383 12.30 14.23 -16.70
CA ASN A 383 12.23 15.32 -15.74
C ASN A 383 13.61 15.94 -15.46
N LEU A 384 14.62 15.09 -15.38
CA LEU A 384 15.99 15.55 -15.14
C LEU A 384 16.47 16.42 -16.29
N ALA A 385 16.02 16.11 -17.50
CA ALA A 385 16.43 16.84 -18.69
C ALA A 385 15.87 18.26 -18.72
N LEU A 386 14.86 18.53 -17.90
CA LEU A 386 14.30 19.87 -17.77
C LEU A 386 15.32 20.84 -17.21
N CYS A 387 16.33 20.29 -16.53
CA CYS A 387 17.42 21.08 -15.97
C CYS A 387 18.60 21.12 -16.93
N PRO A 388 18.89 22.29 -17.49
CA PRO A 388 19.94 22.52 -18.49
C PRO A 388 21.29 21.93 -18.10
N ALA A 389 21.62 21.98 -16.81
CA ALA A 389 22.90 21.47 -16.32
C ALA A 389 22.96 19.94 -16.34
N ASN A 390 21.83 19.31 -16.64
CA ASN A 390 21.78 17.85 -16.75
C ASN A 390 21.89 17.37 -18.19
N HIS A 391 21.83 18.29 -19.14
CA HIS A 391 21.89 17.94 -20.55
C HIS A 391 23.21 17.27 -20.92
N ALA A 392 24.31 17.94 -20.60
CA ALA A 392 25.63 17.39 -20.88
C ALA A 392 25.94 16.08 -20.15
N PRO A 393 25.72 16.01 -18.82
CA PRO A 393 26.02 14.74 -18.14
C PRO A 393 25.19 13.56 -18.66
N LEU A 394 23.91 13.80 -18.95
CA LEU A 394 23.06 12.75 -19.50
C LEU A 394 23.57 12.29 -20.86
N ARG A 395 24.04 13.23 -21.67
CA ARG A 395 24.63 12.90 -22.96
C ARG A 395 25.91 12.09 -22.78
N GLU A 396 26.75 12.53 -21.85
CA GLU A 396 28.03 11.88 -21.58
C GLU A 396 27.87 10.47 -21.04
N GLN A 397 26.72 10.18 -20.44
CA GLN A 397 26.47 8.86 -19.87
C GLN A 397 25.90 7.88 -20.90
N GLY A 398 25.51 8.40 -22.07
CA GLY A 398 25.02 7.57 -23.15
C GLY A 398 23.53 7.31 -23.07
N ALA A 399 22.78 8.28 -22.55
CA ALA A 399 21.33 8.16 -22.41
C ALA A 399 20.62 8.16 -23.76
N ILE A 400 21.06 9.06 -24.64
CA ILE A 400 20.39 9.25 -25.94
C ILE A 400 20.33 8.00 -26.85
N PRO A 401 21.46 7.31 -27.06
CA PRO A 401 21.37 6.12 -27.91
C PRO A 401 20.49 5.04 -27.27
N ARG A 402 20.64 4.83 -25.97
CA ARG A 402 19.85 3.84 -25.26
C ARG A 402 18.36 4.17 -25.32
N LEU A 403 18.04 5.46 -25.15
CA LEU A 403 16.67 5.92 -25.29
C LEU A 403 16.16 5.69 -26.71
N VAL A 404 17.02 5.91 -27.70
CA VAL A 404 16.67 5.69 -29.09
C VAL A 404 16.44 4.19 -29.37
N GLN A 405 17.32 3.35 -28.86
CA GLN A 405 17.19 1.90 -29.03
C GLN A 405 15.87 1.39 -28.43
N LEU A 406 15.52 1.92 -27.26
CA LEU A 406 14.27 1.57 -26.61
C LEU A 406 13.08 1.97 -27.46
N LEU A 407 13.10 3.21 -27.95
CA LEU A 407 12.00 3.75 -28.75
C LEU A 407 11.82 2.98 -30.06
N VAL A 408 12.93 2.75 -30.76
CA VAL A 408 12.90 2.02 -32.02
C VAL A 408 12.28 0.63 -31.85
N ARG A 409 12.78 -0.11 -30.86
CA ARG A 409 12.30 -1.46 -30.60
C ARG A 409 10.88 -1.49 -30.07
N ALA A 410 10.52 -0.48 -29.27
CA ALA A 410 9.17 -0.39 -28.73
C ALA A 410 8.17 -0.10 -29.84
N HIS A 411 8.55 0.80 -30.76
CA HIS A 411 7.70 1.17 -31.88
C HIS A 411 7.45 -0.04 -32.79
N GLN A 412 8.51 -0.73 -33.15
CA GLN A 412 8.42 -1.92 -33.98
C GLN A 412 7.47 -2.96 -33.37
N ASP A 413 7.53 -3.09 -32.05
CA ASP A 413 6.67 -4.04 -31.36
C ASP A 413 5.20 -3.60 -31.35
N THR A 414 4.96 -2.31 -31.45
CA THR A 414 3.59 -1.80 -31.54
C THR A 414 3.02 -2.04 -32.94
N GLN A 415 3.91 -2.25 -33.91
CA GLN A 415 3.49 -2.49 -35.28
C GLN A 415 3.29 -3.98 -35.55
N ARG A 416 3.94 -4.82 -34.75
CA ARG A 416 3.81 -6.27 -34.88
C ARG A 416 2.54 -6.76 -34.19
N GLU A 429 -0.90 -8.33 -19.75
CA GLU A 429 -0.97 -6.93 -20.16
C GLU A 429 0.33 -6.18 -19.85
N GLY A 430 0.62 -6.04 -18.55
CA GLY A 430 1.84 -5.39 -18.10
C GLY A 430 2.04 -3.99 -18.65
N VAL A 431 3.28 -3.69 -19.04
CA VAL A 431 3.60 -2.38 -19.61
C VAL A 431 3.39 -2.38 -21.12
N ARG A 432 2.59 -1.44 -21.59
CA ARG A 432 2.35 -1.30 -23.03
C ARG A 432 3.53 -0.59 -23.67
N MET A 433 3.91 -1.03 -24.87
CA MET A 433 5.03 -0.43 -25.57
C MET A 433 4.70 0.98 -26.04
N GLU A 434 3.41 1.28 -26.15
CA GLU A 434 2.96 2.61 -26.52
C GLU A 434 3.38 3.62 -25.45
N GLU A 435 3.58 3.14 -24.24
CA GLU A 435 4.04 3.97 -23.14
C GLU A 435 5.55 4.16 -23.19
N ILE A 436 6.25 3.14 -23.67
CA ILE A 436 7.70 3.23 -23.85
C ILE A 436 8.02 4.16 -25.01
N VAL A 437 7.24 4.03 -26.08
CA VAL A 437 7.36 4.90 -27.24
C VAL A 437 7.16 6.36 -26.84
N GLU A 438 6.06 6.64 -26.16
CA GLU A 438 5.73 8.00 -25.74
C GLU A 438 6.75 8.54 -24.75
N GLY A 439 7.19 7.68 -23.84
CA GLY A 439 8.14 8.07 -22.81
C GLY A 439 9.49 8.44 -23.38
N CYS A 440 10.04 7.58 -24.23
CA CYS A 440 11.34 7.82 -24.84
C CYS A 440 11.31 9.05 -25.74
N THR A 441 10.26 9.18 -26.53
CA THR A 441 10.10 10.33 -27.40
C THR A 441 9.96 11.60 -26.57
N GLY A 442 9.29 11.48 -25.42
CA GLY A 442 9.12 12.60 -24.51
C GLY A 442 10.44 13.04 -23.89
N ALA A 443 11.24 12.07 -23.48
CA ALA A 443 12.55 12.37 -22.90
C ALA A 443 13.46 13.00 -23.94
N LEU A 444 13.44 12.46 -25.16
CA LEU A 444 14.24 12.98 -26.25
C LEU A 444 13.79 14.39 -26.63
N HIS A 445 12.50 14.65 -26.47
CA HIS A 445 11.92 15.97 -26.73
C HIS A 445 12.57 17.03 -25.84
N ILE A 446 12.78 16.70 -24.57
CA ILE A 446 13.36 17.64 -23.62
C ILE A 446 14.87 17.76 -23.83
N LEU A 447 15.52 16.61 -24.04
CA LEU A 447 16.96 16.59 -24.29
C LEU A 447 17.33 17.36 -25.56
N ALA A 448 16.38 17.45 -26.48
CA ALA A 448 16.61 18.14 -27.76
C ALA A 448 16.62 19.65 -27.63
N ARG A 449 16.54 20.16 -26.40
CA ARG A 449 16.66 21.59 -26.16
C ARG A 449 18.13 22.00 -26.28
N ASP A 450 19.01 21.03 -26.09
CA ASP A 450 20.45 21.27 -26.13
C ASP A 450 21.00 21.00 -27.54
N VAL A 451 21.89 21.88 -27.99
CA VAL A 451 22.41 21.83 -29.35
C VAL A 451 23.23 20.55 -29.63
N HIS A 452 24.09 20.17 -28.69
CA HIS A 452 24.93 19.00 -28.87
C HIS A 452 24.11 17.72 -28.86
N ASN A 453 23.02 17.73 -28.11
CA ASN A 453 22.11 16.60 -28.07
C ASN A 453 21.40 16.40 -29.41
N ARG A 454 20.97 17.51 -30.01
CA ARG A 454 20.28 17.46 -31.31
C ARG A 454 21.15 16.84 -32.39
N ILE A 455 22.46 17.07 -32.30
CA ILE A 455 23.40 16.48 -33.26
C ILE A 455 23.50 14.98 -33.04
N VAL A 456 23.52 14.57 -31.78
CA VAL A 456 23.57 13.15 -31.43
C VAL A 456 22.28 12.45 -31.87
N ILE A 457 21.14 13.02 -31.51
CA ILE A 457 19.84 12.48 -31.86
C ILE A 457 19.68 12.32 -33.37
N ARG A 458 20.00 13.39 -34.09
CA ARG A 458 19.93 13.39 -35.55
C ARG A 458 20.91 12.37 -36.15
N GLY A 459 22.11 12.29 -35.57
CA GLY A 459 23.13 11.38 -36.06
C GLY A 459 22.77 9.91 -35.92
N LEU A 460 21.75 9.62 -35.13
CA LEU A 460 21.28 8.25 -34.96
C LEU A 460 20.15 7.92 -35.93
N ASN A 461 19.95 8.79 -36.91
CA ASN A 461 18.89 8.65 -37.90
C ASN A 461 17.52 8.42 -37.28
N THR A 462 17.03 9.42 -36.55
CA THR A 462 15.79 9.29 -35.79
C THR A 462 14.63 10.00 -36.45
N ILE A 463 14.95 10.99 -37.30
CA ILE A 463 13.94 11.77 -38.01
C ILE A 463 12.90 10.93 -38.79
N PRO A 464 13.33 9.88 -39.51
CA PRO A 464 12.32 9.06 -40.19
C PRO A 464 11.34 8.42 -39.20
N LEU A 465 11.84 8.05 -38.03
CA LEU A 465 11.00 7.46 -37.00
C LEU A 465 10.03 8.49 -36.43
N PHE A 466 10.54 9.67 -36.11
CA PHE A 466 9.72 10.74 -35.55
C PHE A 466 8.57 11.12 -36.48
N VAL A 467 8.87 11.25 -37.77
CA VAL A 467 7.86 11.58 -38.76
C VAL A 467 6.80 10.49 -38.85
N GLN A 468 7.24 9.24 -38.76
CA GLN A 468 6.34 8.09 -38.75
C GLN A 468 5.40 8.14 -37.56
N LEU A 469 5.90 8.63 -36.42
CA LEU A 469 5.12 8.71 -35.20
C LEU A 469 4.00 9.77 -35.28
N LEU A 470 4.05 10.61 -36.30
CA LEU A 470 3.00 11.61 -36.51
C LEU A 470 1.69 10.92 -36.92
N TYR A 471 1.81 9.68 -37.39
CA TYR A 471 0.67 8.91 -37.83
C TYR A 471 0.09 8.06 -36.70
N SER A 472 0.67 8.18 -35.51
CA SER A 472 0.24 7.41 -34.36
C SER A 472 -1.22 7.68 -34.01
N PRO A 473 -1.96 6.63 -33.65
CA PRO A 473 -3.36 6.75 -33.23
C PRO A 473 -3.49 7.48 -31.89
N ILE A 474 -2.40 7.51 -31.14
CA ILE A 474 -2.38 8.09 -29.81
C ILE A 474 -1.90 9.54 -29.83
N GLU A 475 -2.74 10.45 -29.35
CA GLU A 475 -2.46 11.87 -29.37
C GLU A 475 -1.18 12.26 -28.66
N ASN A 476 -1.00 11.73 -27.46
CA ASN A 476 0.20 12.03 -26.66
C ASN A 476 1.49 11.66 -27.37
N ILE A 477 1.43 10.63 -28.20
CA ILE A 477 2.59 10.24 -29.01
C ILE A 477 2.78 11.21 -30.16
N GLN A 478 1.67 11.62 -30.79
CA GLN A 478 1.71 12.63 -31.85
C GLN A 478 2.32 13.92 -31.30
N ARG A 479 1.94 14.25 -30.07
CA ARG A 479 2.36 15.50 -29.44
C ARG A 479 3.87 15.59 -29.21
N VAL A 480 4.45 14.53 -28.63
CA VAL A 480 5.88 14.51 -28.36
C VAL A 480 6.70 14.26 -29.60
N ALA A 481 6.10 13.59 -30.59
CA ALA A 481 6.76 13.38 -31.87
C ALA A 481 6.88 14.72 -32.60
N ALA A 482 5.80 15.49 -32.59
CA ALA A 482 5.81 16.82 -33.19
C ALA A 482 6.69 17.77 -32.40
N GLY A 483 6.76 17.54 -31.09
CA GLY A 483 7.56 18.36 -30.20
C GLY A 483 9.05 18.20 -30.44
N VAL A 484 9.51 16.97 -30.56
CA VAL A 484 10.94 16.70 -30.76
C VAL A 484 11.37 17.18 -32.15
N LEU A 485 10.46 17.08 -33.12
CA LEU A 485 10.72 17.59 -34.46
C LEU A 485 10.84 19.10 -34.44
N CYS A 486 9.97 19.74 -33.67
CA CYS A 486 10.00 21.20 -33.52
C CYS A 486 11.34 21.67 -32.96
N GLU A 487 11.89 20.90 -32.03
CA GLU A 487 13.20 21.22 -31.46
C GLU A 487 14.30 21.01 -32.49
N LEU A 488 14.23 19.91 -33.22
CA LEU A 488 15.23 19.59 -34.23
C LEU A 488 15.19 20.57 -35.40
N ALA A 489 13.98 20.98 -35.77
CA ALA A 489 13.78 21.83 -36.94
C ALA A 489 14.27 23.27 -36.75
N GLN A 490 14.80 23.57 -35.56
CA GLN A 490 15.39 24.88 -35.33
C GLN A 490 16.76 24.96 -36.00
N ASP A 491 17.29 23.80 -36.37
CA ASP A 491 18.52 23.73 -37.14
C ASP A 491 18.17 23.49 -38.61
N LYS A 492 18.59 24.41 -39.48
CA LYS A 492 18.21 24.40 -40.88
C LYS A 492 18.47 23.06 -41.57
N GLU A 493 19.64 22.48 -41.31
CA GLU A 493 20.01 21.19 -41.89
C GLU A 493 19.03 20.09 -41.50
N ALA A 494 18.56 20.14 -40.25
CA ALA A 494 17.59 19.17 -39.76
C ALA A 494 16.21 19.44 -40.36
N ALA A 495 15.86 20.73 -40.46
CA ALA A 495 14.57 21.13 -41.01
C ALA A 495 14.40 20.65 -42.45
N GLU A 496 15.50 20.61 -43.19
CA GLU A 496 15.48 20.12 -44.56
C GLU A 496 15.32 18.61 -44.61
N ALA A 497 16.02 17.91 -43.72
CA ALA A 497 15.92 16.46 -43.63
C ALA A 497 14.51 16.06 -43.19
N ILE A 498 13.92 16.88 -42.31
CA ILE A 498 12.56 16.65 -41.86
C ILE A 498 11.58 16.81 -43.02
N GLU A 499 11.75 17.88 -43.80
CA GLU A 499 10.90 18.11 -44.96
C GLU A 499 11.10 17.02 -46.01
N ALA A 500 12.35 16.66 -46.25
CA ALA A 500 12.70 15.61 -47.20
C ALA A 500 12.07 14.27 -46.80
N GLU A 501 11.77 14.14 -45.51
CA GLU A 501 11.18 12.92 -44.97
C GLU A 501 9.68 12.85 -45.25
N GLY A 502 9.15 13.91 -45.86
CA GLY A 502 7.74 13.95 -46.19
C GLY A 502 6.89 14.20 -44.95
N ALA A 503 7.31 15.15 -44.12
CA ALA A 503 6.62 15.43 -42.87
C ALA A 503 5.58 16.53 -43.02
N THR A 504 5.59 17.21 -44.16
CA THR A 504 4.66 18.31 -44.41
C THR A 504 3.20 17.85 -44.34
N ALA A 505 2.91 16.73 -45.00
CA ALA A 505 1.55 16.20 -45.04
C ALA A 505 0.96 15.79 -43.67
N PRO A 506 1.70 14.99 -42.88
CA PRO A 506 1.15 14.62 -41.56
C PRO A 506 0.92 15.83 -40.67
N LEU A 507 1.88 16.74 -40.63
CA LEU A 507 1.79 17.94 -39.80
C LEU A 507 0.59 18.79 -40.18
N THR A 508 0.25 18.79 -41.46
CA THR A 508 -0.88 19.55 -41.96
C THR A 508 -2.20 19.00 -41.44
N GLU A 509 -2.29 17.67 -41.38
CA GLU A 509 -3.48 17.01 -40.85
C GLU A 509 -3.60 17.24 -39.35
N LEU A 510 -2.46 17.29 -38.68
CA LEU A 510 -2.43 17.50 -37.23
C LEU A 510 -2.73 18.94 -36.84
N LEU A 511 -2.83 19.81 -37.83
CA LEU A 511 -3.20 21.21 -37.57
C LEU A 511 -4.64 21.30 -37.07
N HIS A 512 -5.44 20.28 -37.40
CA HIS A 512 -6.85 20.28 -37.05
C HIS A 512 -7.14 19.29 -35.92
N SER A 513 -6.08 18.86 -35.24
CA SER A 513 -6.22 17.93 -34.12
C SER A 513 -7.03 18.57 -32.99
N ARG A 514 -7.95 17.80 -32.41
CA ARG A 514 -8.73 18.27 -31.29
C ARG A 514 -7.84 18.48 -30.07
N ASN A 515 -6.65 17.89 -30.12
CA ASN A 515 -5.63 18.13 -29.11
C ASN A 515 -4.86 19.40 -29.45
N GLU A 516 -5.17 20.48 -28.73
CA GLU A 516 -4.61 21.79 -29.01
C GLU A 516 -3.08 21.80 -28.97
N GLY A 517 -2.51 20.99 -28.07
CA GLY A 517 -1.07 20.91 -27.93
C GLY A 517 -0.41 20.28 -29.15
N VAL A 518 -1.02 19.21 -29.66
CA VAL A 518 -0.53 18.54 -30.87
C VAL A 518 -0.50 19.51 -32.04
N ALA A 519 -1.55 20.30 -32.17
CA ALA A 519 -1.67 21.26 -33.27
C ALA A 519 -0.61 22.36 -33.21
N THR A 520 -0.32 22.84 -31.99
CA THR A 520 0.63 23.91 -31.79
C THR A 520 2.03 23.50 -32.24
N TYR A 521 2.43 22.28 -31.89
CA TYR A 521 3.72 21.75 -32.29
C TYR A 521 3.78 21.53 -33.80
N ALA A 522 2.70 21.00 -34.36
CA ALA A 522 2.61 20.73 -35.79
C ALA A 522 2.81 22.01 -36.61
N ALA A 523 2.18 23.09 -36.17
CA ALA A 523 2.33 24.38 -36.83
C ALA A 523 3.73 24.93 -36.64
N ALA A 524 4.33 24.63 -35.49
CA ALA A 524 5.66 25.13 -35.17
C ALA A 524 6.74 24.50 -36.05
N VAL A 525 6.56 23.23 -36.40
CA VAL A 525 7.50 22.55 -37.28
C VAL A 525 7.32 23.04 -38.71
N LEU A 526 6.07 23.17 -39.13
CA LEU A 526 5.73 23.66 -40.46
C LEU A 526 6.37 25.01 -40.75
N PHE A 527 6.31 25.89 -39.75
CA PHE A 527 6.87 27.23 -39.89
C PHE A 527 8.37 27.20 -40.15
N ARG A 528 9.10 26.47 -39.32
CA ARG A 528 10.55 26.42 -39.42
C ARG A 528 11.02 25.70 -40.69
N MET A 529 10.09 25.03 -41.36
CA MET A 529 10.37 24.41 -42.66
C MET A 529 10.18 25.42 -43.79
C URE B . -2.85 3.85 27.35
O URE B . -1.92 3.12 27.29
N1 URE B . -3.05 4.72 26.37
N2 URE B . -3.73 3.74 28.32
C URE C . 6.48 -0.99 22.88
O URE C . 6.39 -1.46 23.97
N1 URE C . 5.47 -0.31 22.36
N2 URE C . 7.60 -1.15 22.19
C URE D . -6.99 22.74 -33.04
O URE D . -7.25 23.85 -33.36
N1 URE D . -7.33 22.31 -31.84
N2 URE D . -6.37 21.93 -33.89
C URE E . -9.92 3.14 23.13
O URE E . -9.65 3.73 24.12
N1 URE E . -10.32 1.89 23.20
N2 URE E . -9.82 3.73 21.96
C URE F . -4.86 -0.68 30.86
O URE F . -5.19 -1.80 30.70
N1 URE F . -5.48 0.29 30.21
N2 URE F . -3.88 -0.39 31.70
C URE G . -8.46 12.24 9.66
O URE G . -7.85 12.34 10.66
N1 URE G . -7.84 12.27 8.50
N2 URE G . -9.77 12.10 9.70
C URE H . -5.46 -9.23 -1.48
O URE H . -5.73 -8.34 -2.21
N1 URE H . -6.37 -10.14 -1.19
N2 URE H . -4.26 -9.30 -0.94
C URE I . 3.60 12.76 -10.64
O URE I . 3.70 13.61 -9.82
N1 URE I . 4.39 12.76 -11.70
N2 URE I . 2.66 11.83 -10.51
C URE J . -4.18 6.71 -36.93
O URE J . -5.18 6.64 -36.28
N1 URE J . -3.65 7.88 -37.20
N2 URE J . -3.61 5.60 -37.37
C URE K . 8.39 5.19 19.51
O URE K . 9.42 4.74 19.90
N1 URE K . 7.80 4.68 18.45
N2 URE K . 7.84 6.19 20.16
C URE L . -0.14 10.14 19.89
O URE L . 0.18 9.13 20.40
N1 URE L . -1.42 10.39 19.65
N2 URE L . 0.78 11.02 19.52
C URE M . 22.87 10.12 2.05
O URE M . 22.00 10.46 2.78
N1 URE M . 24.13 10.31 2.37
N2 URE M . 22.56 9.64 0.85
C URE N . 7.48 -8.88 10.60
O URE N . 6.35 -8.96 10.96
N1 URE N . 7.77 -9.02 9.32
N2 URE N . 8.45 -8.67 11.47
C URE O . 28.66 15.62 -8.48
O URE O . 29.07 14.54 -8.21
N1 URE O . 28.91 16.65 -7.68
N2 URE O . 28.10 15.84 -9.66
C URE P . 25.97 18.00 -2.61
O URE P . 25.70 17.70 -1.50
N1 URE P . 25.73 19.23 -3.05
N2 URE P . 26.55 17.12 -3.41
C URE Q . 3.83 4.13 -13.07
O URE Q . 3.07 4.27 -13.97
N1 URE Q . 3.51 4.56 -11.87
N2 URE Q . 5.00 3.55 -13.28
C URE R . 28.93 12.03 -25.51
O URE R . 29.80 12.45 -24.83
N1 URE R . 28.60 12.64 -26.63
N2 URE R . 28.28 10.94 -25.14
C URE S . 5.53 -5.83 -18.32
O URE S . 6.02 -4.97 -17.65
N1 URE S . 4.85 -6.79 -17.72
N2 URE S . 5.64 -5.80 -19.63
C URE T . 18.37 16.07 -0.86
O URE T . 19.07 15.71 -1.74
N1 URE T . 18.91 16.47 0.28
N2 URE T . 17.07 16.14 -1.03
C URE U . 12.06 25.08 -25.26
O URE U . 12.29 25.23 -24.11
N1 URE U . 12.93 25.45 -26.18
N2 URE U . 10.91 24.56 -25.64
C URE V . -12.44 -22.35 12.69
O URE V . -11.27 -22.47 12.49
N1 URE V . -12.85 -21.89 13.85
N2 URE V . -13.30 -22.52 11.70
C URE W . 10.55 10.33 -48.23
O URE W . 10.06 9.26 -48.41
N1 URE W . 11.76 10.41 -47.71
N2 URE W . 9.86 11.42 -48.51
C URE X . -8.93 -0.58 32.42
O URE X . -8.80 -1.66 32.90
N1 URE X . -8.10 0.39 32.74
N2 URE X . -9.94 -0.35 31.61
C URE Y . 8.55 -8.36 19.52
O URE Y . 8.81 -7.84 20.55
N1 URE Y . 8.14 -9.60 19.49
N2 URE Y . 8.69 -7.68 18.39
C URE Z . 2.34 -7.23 2.42
O URE Z . 1.86 -7.73 3.38
N1 URE Z . 2.13 -5.95 2.18
N2 URE Z . 3.08 -7.95 1.61
C URE AA . 12.11 -6.83 17.63
O URE AA . 11.11 -6.83 16.99
N1 URE AA . 12.38 -7.84 18.43
N2 URE AA . 12.96 -5.83 17.53
C URE BA . 0.19 -10.00 9.35
O URE BA . 0.85 -10.13 8.38
N1 URE BA . 0.77 -9.88 10.53
N2 URE BA . -1.13 -9.97 9.26
C URE CA . -3.49 -3.17 -2.64
O URE CA . -4.08 -4.05 -2.11
N1 URE CA . -3.16 -3.29 -3.92
N2 URE CA . -3.17 -2.09 -1.97
C URE DA . -1.86 17.23 0.93
O URE DA . -2.42 18.01 1.62
N1 URE DA . -1.26 16.17 1.47
N2 URE DA . -1.83 17.41 -0.37
C URE EA . -1.89 18.71 -4.02
O URE EA . -3.06 18.93 -3.96
N1 URE EA . -1.36 18.33 -5.17
N2 URE EA . -1.13 18.89 -2.96
C URE FA . 5.39 10.56 13.12
O URE FA . 4.30 10.19 12.84
N1 URE FA . 5.55 11.69 13.80
N2 URE FA . 6.44 9.86 12.74
C URE GA . 10.85 10.20 14.14
O URE GA . 11.53 9.87 13.22
N1 URE GA . 10.00 9.34 14.68
N2 URE GA . 10.93 11.42 14.62
C URE HA . 17.81 4.12 9.61
O URE HA . 18.11 4.64 8.59
N1 URE HA . 16.55 3.76 9.83
N2 URE HA . 18.73 3.89 10.53
C URE IA . 16.43 16.94 7.69
O URE IA . 17.33 16.56 7.03
N1 URE IA . 15.98 18.16 7.57
N2 URE IA . 15.88 16.12 8.58
C URE JA . 14.75 -5.42 -21.27
O URE JA . 14.74 -5.63 -22.43
N1 URE JA . 13.61 -5.34 -20.60
N2 URE JA . 15.89 -5.27 -20.63
C URE KA . 13.68 -6.41 -26.27
O URE KA . 14.15 -6.77 -25.24
N1 URE KA . 13.56 -5.13 -26.52
N2 URE KA . 13.23 -7.31 -27.14
C URE LA . 26.01 9.54 -27.38
O URE LA . 26.09 8.77 -28.29
N1 URE LA . 26.35 10.79 -27.56
N2 URE LA . 25.65 9.11 -26.19
C URE MA . 16.50 25.44 -27.33
O URE MA . 17.34 25.76 -28.09
N1 URE MA . 16.68 25.62 -26.03
N2 URE MA . 15.39 24.86 -27.76
C URE NA . 21.77 5.37 -37.93
O URE NA . 21.66 5.25 -36.75
N1 URE NA . 22.37 6.42 -38.44
N2 URE NA . 21.26 4.44 -38.73
C URE OA . 21.70 10.75 -40.11
O URE OA . 22.42 11.61 -39.73
N1 URE OA . 20.78 11.01 -41.02
N2 URE OA . 21.81 9.53 -39.62
C URE PA . 2.18 21.78 -26.39
O URE PA . 2.61 22.05 -25.31
N1 URE PA . 2.11 22.71 -27.32
N2 URE PA . 1.83 20.54 -26.66
C URE QA . 14.14 -8.07 -7.75
O URE QA . 14.64 -7.70 -8.77
N1 URE QA . 12.84 -8.29 -7.71
N2 URE QA . 14.88 -8.26 -6.67
C URE RA . 26.71 12.61 -11.63
O URE RA . 26.86 12.93 -12.76
N1 URE RA . 25.51 12.68 -11.09
N2 URE RA . 27.70 12.04 -10.97
C URE SA . -12.72 -2.40 30.41
O URE SA . -12.57 -3.19 29.53
N1 URE SA . -13.05 -1.16 30.12
N2 URE SA . -12.56 -2.77 31.66
C URE TA . -19.40 0.12 17.16
O URE TA . -19.60 0.22 18.33
N1 URE TA . -19.94 -0.88 16.49
N2 URE TA . -18.65 1.01 16.54
C URE UA . -20.53 -3.83 26.50
O URE UA . -20.26 -2.84 25.91
N1 URE UA . -20.31 -3.91 27.80
N2 URE UA . -21.03 -4.87 25.86
C URE VA . -9.11 7.49 23.05
O URE VA . -9.18 6.90 22.03
N1 URE VA . -8.92 8.80 23.04
N2 URE VA . -9.21 6.84 24.20
C URE WA . 14.01 0.07 11.26
O URE WA . 13.62 1.11 11.71
N1 URE WA . 15.10 0.05 10.52
N2 URE WA . 13.35 -1.04 11.52
C URE XA . 16.01 19.30 -3.26
O URE XA . 16.11 18.15 -3.51
N1 URE XA . 15.03 20.00 -3.79
N2 URE XA . 16.86 19.87 -2.43
C URE YA . -0.71 8.58 -12.22
O URE YA . -0.24 7.92 -11.34
N1 URE YA . -1.57 8.03 -13.06
N2 URE YA . -0.36 9.84 -12.35
C URE ZA . 6.27 12.21 -14.46
O URE ZA . 5.63 11.35 -13.97
N1 URE ZA . 6.78 12.04 -15.67
N2 URE ZA . 6.57 13.29 -13.78
C URE AB . 21.31 -2.56 -14.87
O URE AB . 20.52 -2.11 -15.63
N1 URE AB . 20.95 -2.85 -13.64
N2 URE AB . 22.54 -2.81 -15.28
C URE BB . 15.42 -9.46 -18.05
O URE BB . 15.65 -8.30 -18.12
N1 URE BB . 15.58 -10.10 -16.92
N2 URE BB . 15.00 -10.12 -19.12
C URE CB . 10.70 -7.86 -19.22
O URE CB . 11.76 -7.48 -19.60
N1 URE CB . 10.56 -8.27 -17.97
N2 URE CB . 9.68 -7.91 -20.04
C URE DB . -21.11 -8.11 3.15
O URE DB . -21.19 -7.48 4.15
N1 URE DB . -21.82 -7.75 2.09
N2 URE DB . -20.40 -9.21 3.12
C URE EB . -29.36 -11.33 29.67
O URE EB . -29.44 -11.24 30.84
N1 URE EB . -29.54 -10.27 28.91
#